data_2X2M
#
_entry.id   2X2M
#
_cell.length_a   50.697
_cell.length_b   50.760
_cell.length_c   74.588
_cell.angle_alpha   103.50
_cell.angle_beta   99.66
_cell.angle_gamma   89.92
#
_symmetry.space_group_name_H-M   'P 1'
#
loop_
_entity.id
_entity.type
_entity.pdbx_description
1 polymer 'PROTO-ONCOGENE TYROSINE-PROTEIN KINASE RECEPTOR RET'
2 non-polymer 'FORMIC ACID'
3 non-polymer (3Z)-3-[(3,5-DIMETHYL-1H-PYRROL-2-YL)METHYLIDENE]-1,3-DIHYDRO-2H-INDOL-2-ONE
4 water water
#
_entity_poly.entity_id   1
_entity_poly.type   'polypeptide(L)'
_entity_poly.pdbx_seq_one_letter_code
;GPLSLSVDAFKILEDPKWEFPRKNLVLGKTLGEGEFGKVVKATAFHLKGRAGYTTVAVKMLKENASPSELRDLLSEFNVL
KQVNHPHVIKLYGACSQDGPLLLIVEYAKYGSLRGFLRESRKVGPGYLGSGGSRNSSSLDHPDERALTMGDLISFAWQIS
QGMQYLAEMKLVHRDLAARNILVAEGRKMKISDFGLSRDVYEEDS(PTR)VKRSQGRIPVKWMAIESLFDHIYTTQSDVW
SFGVLLWEIVTLGGNPYPGIPPERLFNLLKTGHRMERPDNCSEEMYRLMLQCWKQEPDKRPVFADISKDLEKMMVKRR
;
_entity_poly.pdbx_strand_id   A,B
#
# COMPACT_ATOMS: atom_id res chain seq x y z
N GLY A 1 9.18 -16.59 10.05
CA GLY A 1 9.97 -16.06 8.91
C GLY A 1 10.79 -14.85 9.35
N PRO A 2 11.35 -14.12 8.36
CA PRO A 2 12.23 -12.96 8.62
C PRO A 2 11.60 -11.95 9.58
N LEU A 3 10.27 -11.78 9.51
CA LEU A 3 9.58 -10.73 10.27
C LEU A 3 9.31 -11.14 11.72
N SER A 4 8.82 -12.37 11.89
CA SER A 4 8.69 -12.94 13.24
C SER A 4 10.02 -12.84 13.99
N LEU A 5 11.13 -13.23 13.33
CA LEU A 5 12.49 -13.09 13.88
C LEU A 5 12.78 -11.64 14.26
N SER A 6 12.51 -10.70 13.34
CA SER A 6 12.75 -9.28 13.62
C SER A 6 11.87 -8.72 14.74
N VAL A 7 10.66 -9.24 14.90
CA VAL A 7 9.77 -8.77 15.96
C VAL A 7 10.24 -9.25 17.34
N ASP A 8 10.54 -10.54 17.45
CA ASP A 8 11.12 -11.11 18.66
C ASP A 8 12.47 -10.45 19.04
N ALA A 9 13.38 -10.29 18.07
CA ALA A 9 14.68 -9.64 18.26
C ALA A 9 14.56 -8.21 18.81
N PHE A 10 13.58 -7.51 18.25
CA PHE A 10 13.34 -6.11 18.56
C PHE A 10 12.73 -5.96 19.95
N LYS A 11 11.68 -6.74 20.25
CA LYS A 11 11.01 -6.66 21.55
C LYS A 11 11.95 -7.06 22.71
N ILE A 12 13.01 -7.80 22.40
CA ILE A 12 13.99 -8.23 23.41
C ILE A 12 15.22 -7.30 23.46
N LEU A 13 15.09 -6.08 22.95
CA LEU A 13 16.21 -5.11 22.88
C LEU A 13 16.01 -3.91 23.81
N ASP A 15 17.72 -0.70 22.51
CA ASP A 15 18.65 0.34 22.91
C ASP A 15 17.90 1.38 23.77
N PRO A 16 18.30 1.49 25.06
CA PRO A 16 17.75 2.53 25.93
C PRO A 16 18.17 3.92 25.41
N LYS A 17 19.09 3.92 24.44
CA LYS A 17 19.44 5.11 23.68
C LYS A 17 18.21 5.71 23.00
N TRP A 18 17.38 4.87 22.40
CA TRP A 18 16.23 5.35 21.62
C TRP A 18 14.84 5.17 22.28
N GLU A 19 14.73 4.40 23.36
CA GLU A 19 13.40 4.20 23.99
C GLU A 19 12.93 5.47 24.70
N PHE A 20 11.63 5.80 24.57
CA PHE A 20 11.05 7.00 25.15
C PHE A 20 9.78 6.65 25.92
N PRO A 21 9.59 7.18 27.14
CA PRO A 21 8.44 6.67 27.88
C PRO A 21 7.14 7.14 27.24
N ARG A 22 6.25 6.20 26.91
CA ARG A 22 4.96 6.51 26.28
C ARG A 22 4.22 7.61 27.03
N LYS A 23 4.36 7.64 28.34
CA LYS A 23 3.57 8.58 29.15
C LYS A 23 4.03 10.03 29.00
N ASN A 24 5.26 10.25 28.51
CA ASN A 24 5.75 11.59 28.21
C ASN A 24 5.45 12.04 26.79
N LEU A 25 4.66 11.24 26.06
CA LEU A 25 4.28 11.58 24.67
C LEU A 25 2.79 11.84 24.50
N VAL A 26 2.43 12.94 23.85
CA VAL A 26 1.01 13.27 23.73
C VAL A 26 0.70 13.50 22.25
N LEU A 27 -0.23 12.73 21.70
CA LEU A 27 -0.55 12.77 20.28
C LEU A 27 -1.65 13.78 19.96
N GLY A 28 -1.54 14.41 18.80
CA GLY A 28 -2.57 15.31 18.29
C GLY A 28 -3.04 14.91 16.90
N LYS A 29 -3.31 15.91 16.08
CA LYS A 29 -3.96 15.71 14.80
C LYS A 29 -3.12 14.93 13.79
N THR A 30 -3.79 14.38 12.81
CA THR A 30 -3.12 13.62 11.78
C THR A 30 -2.57 14.60 10.75
N LEU A 31 -1.28 14.44 10.45
CA LEU A 31 -0.66 15.25 9.44
C LEU A 31 -0.82 14.60 8.06
N GLY A 32 -0.69 13.27 7.98
CA GLY A 32 -0.83 12.51 6.70
C GLY A 32 -0.80 10.96 6.76
N GLU A 33 -1.21 10.33 5.66
CA GLU A 33 -1.29 8.86 5.51
C GLU A 33 -0.57 8.38 4.26
N PHE A 36 3.65 4.49 3.56
CA PHE A 36 3.08 3.22 4.05
C PHE A 36 2.64 3.31 5.55
N GLY A 37 2.66 4.54 6.08
CA GLY A 37 2.29 4.77 7.48
C GLY A 37 1.35 5.95 7.71
N LYS A 38 1.24 6.31 8.97
CA LYS A 38 0.45 7.44 9.41
C LYS A 38 1.46 8.35 10.12
N VAL A 39 1.17 9.64 10.14
CA VAL A 39 1.98 10.61 10.87
C VAL A 39 1.02 11.52 11.62
N VAL A 40 1.24 11.65 12.92
CA VAL A 40 0.52 12.61 13.74
C VAL A 40 1.46 13.66 14.31
N LYS A 41 0.94 14.88 14.49
CA LYS A 41 1.64 15.91 15.28
C LYS A 41 1.56 15.50 16.72
N ALA A 42 2.62 15.74 17.47
CA ALA A 42 2.68 15.27 18.82
C ALA A 42 3.53 16.20 19.64
N THR A 43 3.60 15.95 20.94
CA THR A 43 4.40 16.74 21.83
C THR A 43 5.05 15.79 22.83
N ALA A 44 6.31 16.07 23.19
CA ALA A 44 7.09 15.13 23.95
C ALA A 44 7.76 15.81 25.12
N PHE A 45 7.60 15.20 26.28
CA PHE A 45 8.11 15.79 27.53
C PHE A 45 9.47 15.22 27.87
N HIS A 46 10.42 16.12 28.09
CA HIS A 46 11.78 15.80 28.46
C HIS A 46 12.39 14.82 27.45
N LEU A 47 12.35 15.24 26.18
CA LEU A 47 12.84 14.48 25.06
C LEU A 47 14.33 14.70 24.85
N LYS A 48 15.11 13.66 25.11
CA LYS A 48 16.58 13.70 24.92
C LYS A 48 17.25 15.01 25.36
N GLY A 49 17.23 15.25 26.66
CA GLY A 49 17.83 16.43 27.27
C GLY A 49 17.25 17.79 26.89
N ARG A 50 16.09 17.83 26.24
CA ARG A 50 15.40 19.10 25.97
C ARG A 50 14.40 19.25 27.08
N ALA A 51 14.52 20.30 27.87
CA ALA A 51 13.62 20.51 28.99
C ALA A 51 12.23 20.88 28.49
N GLY A 52 11.21 20.51 29.25
CA GLY A 52 9.84 20.83 28.83
C GLY A 52 9.35 20.06 27.61
N TYR A 53 8.42 20.66 26.88
CA TYR A 53 7.80 20.03 25.71
C TYR A 53 8.48 20.48 24.44
N THR A 54 8.55 19.54 23.49
CA THR A 54 9.03 19.77 22.15
C THR A 54 8.03 19.15 21.21
N THR A 55 7.59 19.96 20.25
CA THR A 55 6.73 19.55 19.17
C THR A 55 7.48 18.60 18.23
N VAL A 56 6.84 17.48 17.92
CA VAL A 56 7.45 16.44 17.12
C VAL A 56 6.39 15.85 16.22
N ALA A 57 6.83 15.11 15.21
CA ALA A 57 5.91 14.23 14.49
C ALA A 57 6.17 12.79 14.94
N VAL A 58 5.12 11.97 14.84
CA VAL A 58 5.14 10.58 15.28
C VAL A 58 4.60 9.70 14.16
N LYS A 59 5.48 8.84 13.64
CA LYS A 59 5.15 7.85 12.59
C LYS A 59 4.63 6.57 13.25
N MET A 60 3.52 6.04 12.77
CA MET A 60 2.98 4.80 13.29
C MET A 60 2.34 3.97 12.21
N LEU A 61 1.97 2.75 12.56
CA LEU A 61 1.26 1.84 11.67
C LEU A 61 -0.18 2.31 11.52
N LYS A 62 -0.72 2.19 10.31
CA LYS A 62 -2.14 2.43 10.08
C LYS A 62 -3.01 1.36 10.71
N GLU A 63 -4.32 1.55 10.59
CA GLU A 63 -5.30 0.51 10.92
C GLU A 63 -5.11 -0.68 9.97
N ASN A 64 -4.96 -1.88 10.53
CA ASN A 64 -4.95 -3.04 9.68
C ASN A 64 -3.65 -3.21 8.91
N ALA A 65 -2.55 -3.00 9.62
CA ALA A 65 -1.23 -3.12 9.05
C ALA A 65 -0.95 -4.52 8.55
N SER A 66 -0.43 -4.60 7.34
CA SER A 66 0.02 -5.87 6.84
C SER A 66 1.44 -6.16 7.38
N PRO A 67 1.94 -7.40 7.19
CA PRO A 67 3.37 -7.66 7.51
C PRO A 67 4.36 -6.75 6.75
N SER A 68 4.02 -6.40 5.53
CA SER A 68 4.86 -5.56 4.71
C SER A 68 5.05 -4.19 5.38
N GLU A 69 3.96 -3.69 5.97
CA GLU A 69 3.93 -2.37 6.51
C GLU A 69 4.69 -2.34 7.82
N LEU A 70 4.49 -3.37 8.63
CA LEU A 70 5.23 -3.57 9.87
C LEU A 70 6.73 -3.64 9.60
N ARG A 71 7.12 -4.45 8.61
CA ARG A 71 8.51 -4.55 8.20
C ARG A 71 9.12 -3.21 7.81
N ASP A 72 8.39 -2.40 7.04
CA ASP A 72 8.82 -1.07 6.62
C ASP A 72 8.95 -0.08 7.79
N LEU A 73 8.03 -0.14 8.76
CA LEU A 73 8.23 0.60 9.98
C LEU A 73 9.52 0.18 10.69
N LEU A 74 9.79 -1.13 10.82
CA LEU A 74 10.98 -1.59 11.55
C LEU A 74 12.25 -1.20 10.80
N SER A 75 12.17 -1.29 9.49
CA SER A 75 13.31 -0.97 8.66
C SER A 75 13.61 0.54 8.72
N GLU A 76 12.55 1.35 8.64
CA GLU A 76 12.67 2.81 8.76
C GLU A 76 13.39 3.20 10.06
N PHE A 77 12.87 2.70 11.17
CA PHE A 77 13.50 2.82 12.45
C PHE A 77 15.00 2.51 12.43
N ASN A 78 15.35 1.37 11.84
CA ASN A 78 16.71 0.91 11.75
C ASN A 78 17.61 1.83 10.89
N VAL A 79 17.10 2.33 9.76
CA VAL A 79 17.88 3.28 8.95
C VAL A 79 18.05 4.62 9.66
N LEU A 80 16.98 5.10 10.30
CA LEU A 80 17.01 6.41 10.95
C LEU A 80 17.99 6.45 12.13
N LYS A 81 18.26 5.32 12.77
CA LYS A 81 19.27 5.27 13.83
C LYS A 81 20.69 5.55 13.35
N GLN A 82 20.97 5.21 12.11
CA GLN A 82 22.35 5.21 11.62
C GLN A 82 22.68 6.53 10.97
N VAL A 83 21.68 7.37 10.81
CA VAL A 83 21.67 8.48 9.87
C VAL A 83 21.63 9.88 10.52
N ASN A 84 22.42 10.82 9.98
CA ASN A 84 22.63 12.14 10.58
C ASN A 84 23.11 13.18 9.58
N HIS A 85 22.20 14.04 9.13
CA HIS A 85 22.50 15.03 8.13
C HIS A 85 21.49 16.14 8.24
N PRO A 86 21.96 17.37 8.07
CA PRO A 86 21.04 18.52 8.16
C PRO A 86 19.88 18.44 7.17
N HIS A 87 20.02 17.66 6.11
CA HIS A 87 18.91 17.50 5.15
C HIS A 87 18.28 16.11 5.14
N VAL A 88 18.38 15.43 6.27
CA VAL A 88 17.69 14.16 6.51
C VAL A 88 16.89 14.25 7.83
N ILE A 89 15.66 13.79 7.77
CA ILE A 89 14.80 13.90 8.93
C ILE A 89 15.44 13.20 10.14
N LYS A 90 15.35 13.82 11.30
CA LYS A 90 16.00 13.34 12.51
C LYS A 90 15.06 12.49 13.34
N LEU A 91 15.58 11.38 13.86
CA LEU A 91 14.83 10.53 14.76
C LEU A 91 15.22 10.85 16.20
N TYR A 92 14.25 11.04 17.09
CA TYR A 92 14.52 11.28 18.52
C TYR A 92 14.36 10.07 19.41
N GLY A 93 13.54 9.11 19.01
CA GLY A 93 13.21 8.00 19.89
C GLY A 93 12.10 7.14 19.34
N ALA A 94 11.67 6.19 20.15
CA ALA A 94 10.62 5.27 19.78
C ALA A 94 9.91 4.85 21.04
N CYS A 95 8.62 4.56 20.93
CA CYS A 95 7.87 3.90 21.98
C CYS A 95 7.50 2.53 21.43
N SER A 96 7.92 1.48 22.11
CA SER A 96 7.64 0.10 21.68
C SER A 96 7.15 -0.87 22.76
N GLN A 97 6.98 -0.39 24.00
CA GLN A 97 6.95 -1.25 25.18
C GLN A 97 5.56 -1.72 25.60
N ASP A 98 4.56 -0.83 25.55
CA ASP A 98 3.21 -1.22 26.01
C ASP A 98 2.08 -0.59 25.18
N GLY A 99 2.17 -0.76 23.87
CA GLY A 99 1.25 -0.14 22.94
C GLY A 99 1.84 -0.23 21.55
N PRO A 100 1.19 0.40 20.56
CA PRO A 100 1.66 0.23 19.18
C PRO A 100 3.05 0.84 19.00
N LEU A 101 3.82 0.38 18.02
CA LEU A 101 5.14 0.94 17.77
C LEU A 101 5.03 2.39 17.24
N LEU A 102 5.74 3.32 17.88
CA LEU A 102 5.67 4.74 17.52
C LEU A 102 7.08 5.28 17.31
N LEU A 103 7.33 5.89 16.14
CA LEU A 103 8.64 6.53 15.92
C LEU A 103 8.54 8.04 16.07
N ILE A 104 9.31 8.57 17.00
CA ILE A 104 9.26 10.00 17.31
C ILE A 104 10.31 10.71 16.48
N VAL A 105 9.83 11.58 15.60
CA VAL A 105 10.69 12.24 14.60
C VAL A 105 10.49 13.76 14.53
N GLU A 106 11.44 14.42 13.86
CA GLU A 106 11.43 15.84 13.59
C GLU A 106 10.15 16.33 12.91
N TYR A 107 9.57 17.37 13.51
CA TYR A 107 8.40 18.04 12.96
C TYR A 107 8.90 18.99 11.89
N ALA A 108 8.27 18.97 10.72
CA ALA A 108 8.62 19.89 9.64
C ALA A 108 7.42 20.78 9.40
N LYS A 109 7.55 22.03 9.84
CA LYS A 109 6.40 22.94 9.95
C LYS A 109 5.64 23.18 8.63
N TYR A 110 6.33 23.09 7.50
CA TYR A 110 5.65 23.30 6.24
C TYR A 110 5.08 22.07 5.54
N GLY A 111 5.21 20.92 6.17
CA GLY A 111 4.77 19.67 5.54
C GLY A 111 5.65 19.25 4.38
N SER A 112 5.05 18.55 3.45
CA SER A 112 5.75 17.98 2.33
C SER A 112 6.11 19.03 1.30
N LEU A 113 7.21 18.81 0.60
CA LEU A 113 7.63 19.72 -0.43
C LEU A 113 6.54 19.82 -1.51
N ARG A 114 5.95 18.70 -1.86
CA ARG A 114 4.89 18.77 -2.86
C ARG A 114 3.83 19.79 -2.41
N GLY A 115 3.39 19.68 -1.15
CA GLY A 115 2.27 20.49 -0.67
C GLY A 115 2.68 21.96 -0.67
N PHE A 116 3.94 22.18 -0.37
CA PHE A 116 4.48 23.49 -0.20
C PHE A 116 4.64 24.13 -1.58
N LEU A 117 5.12 23.38 -2.55
CA LEU A 117 5.17 23.85 -3.90
C LEU A 117 3.77 24.19 -4.39
N ARG A 118 2.82 23.28 -4.22
CA ARG A 118 1.47 23.50 -4.74
C ARG A 118 0.82 24.78 -4.18
N GLU A 119 1.15 25.13 -2.94
CA GLU A 119 0.62 26.35 -2.31
C GLU A 119 1.28 27.65 -2.79
N SER A 120 2.16 27.59 -3.77
CA SER A 120 2.89 28.80 -4.12
C SER A 120 2.83 29.19 -5.62
N ARG A 121 3.62 30.20 -6.01
CA ARG A 121 3.46 30.88 -7.32
C ARG A 121 4.70 30.86 -8.22
N ALA A 146 5.36 33.03 -3.00
CA ALA A 146 6.22 33.57 -4.08
C ALA A 146 7.65 33.01 -3.99
N LEU A 147 8.07 32.30 -5.03
CA LEU A 147 9.36 31.64 -4.99
C LEU A 147 10.14 31.93 -6.27
N THR A 148 11.43 32.19 -6.08
CA THR A 148 12.34 32.49 -7.16
C THR A 148 12.96 31.17 -7.73
N MET A 149 13.52 31.20 -8.93
CA MET A 149 14.26 30.03 -9.45
C MET A 149 15.36 29.70 -8.45
N GLY A 150 15.88 30.73 -7.79
CA GLY A 150 16.96 30.60 -6.83
C GLY A 150 16.54 29.79 -5.61
N ASP A 151 15.30 30.00 -5.17
CA ASP A 151 14.73 29.19 -4.09
C ASP A 151 14.60 27.73 -4.52
N LEU A 152 14.12 27.52 -5.73
CA LEU A 152 13.90 26.16 -6.24
C LEU A 152 15.24 25.45 -6.46
N ILE A 153 16.26 26.20 -6.86
CA ILE A 153 17.57 25.61 -7.02
C ILE A 153 18.18 25.25 -5.67
N SER A 154 17.98 26.09 -4.67
CA SER A 154 18.49 25.82 -3.34
C SER A 154 17.85 24.53 -2.79
N PHE A 155 16.54 24.38 -2.99
CA PHE A 155 15.82 23.20 -2.56
C PHE A 155 16.47 21.95 -3.16
N ALA A 156 16.64 21.97 -4.48
CA ALA A 156 17.19 20.80 -5.16
C ALA A 156 18.60 20.53 -4.68
N TRP A 157 19.37 21.58 -4.43
CA TRP A 157 20.75 21.44 -4.02
C TRP A 157 20.80 20.76 -2.65
N GLN A 158 19.94 21.21 -1.73
CA GLN A 158 19.85 20.65 -0.38
C GLN A 158 19.55 19.15 -0.46
N ILE A 159 18.56 18.81 -1.28
CA ILE A 159 18.23 17.41 -1.50
C ILE A 159 19.42 16.65 -2.09
N SER A 160 20.07 17.22 -3.10
CA SER A 160 21.26 16.55 -3.64
C SER A 160 22.34 16.21 -2.60
N GLN A 161 22.64 17.15 -1.68
CA GLN A 161 23.61 16.91 -0.59
C GLN A 161 23.19 15.79 0.34
N GLY A 162 21.90 15.73 0.67
CA GLY A 162 21.40 14.63 1.51
C GLY A 162 21.54 13.29 0.81
N MET A 163 21.21 13.27 -0.49
CA MET A 163 21.38 12.07 -1.30
C MET A 163 22.87 11.64 -1.40
N GLN A 164 23.79 12.60 -1.49
CA GLN A 164 25.22 12.23 -1.56
C GLN A 164 25.67 11.56 -0.28
N TYR A 165 25.22 12.08 0.85
CA TYR A 165 25.55 11.50 2.14
C TYR A 165 24.93 10.10 2.35
N LEU A 166 23.67 9.90 1.93
CA LEU A 166 23.05 8.56 1.94
C LEU A 166 23.77 7.61 1.02
N ALA A 167 24.11 8.08 -0.19
CA ALA A 167 24.91 7.26 -1.11
C ALA A 167 26.27 6.83 -0.53
N GLU A 168 27.01 7.75 0.08
CA GLU A 168 28.28 7.39 0.75
C GLU A 168 28.05 6.46 1.95
N MET A 169 26.86 6.48 2.53
CA MET A 169 26.51 5.65 3.67
C MET A 169 26.08 4.26 3.13
N LYS A 170 26.19 4.09 1.80
CA LYS A 170 25.74 2.89 1.03
C LYS A 170 24.26 2.52 1.12
N LEU A 171 23.40 3.50 0.97
CA LEU A 171 21.96 3.28 1.07
C LEU A 171 21.31 3.76 -0.18
N VAL A 172 20.49 2.90 -0.80
CA VAL A 172 19.61 3.37 -1.88
C VAL A 172 18.24 3.70 -1.29
N HIS A 173 17.78 4.90 -1.59
CA HIS A 173 16.57 5.40 -0.99
C HIS A 173 15.32 4.82 -1.68
N ARG A 174 15.34 4.77 -3.01
CA ARG A 174 14.31 4.11 -3.83
C ARG A 174 13.03 4.94 -4.03
N ASP A 175 12.60 5.63 -2.98
CA ASP A 175 11.32 6.31 -2.98
C ASP A 175 11.36 7.88 -3.03
N LEU A 176 12.36 8.45 -3.69
CA LEU A 176 12.55 9.88 -3.71
C LEU A 176 11.53 10.64 -4.56
N ALA A 177 10.81 11.56 -3.92
CA ALA A 177 9.69 12.22 -4.58
C ALA A 177 9.35 13.46 -3.78
N ALA A 178 8.76 14.48 -4.41
CA ALA A 178 8.39 15.70 -3.68
C ALA A 178 7.54 15.37 -2.48
N ARG A 179 6.64 14.41 -2.62
CA ARG A 179 5.76 14.04 -1.52
C ARG A 179 6.51 13.46 -0.28
N ASN A 180 7.76 13.06 -0.50
CA ASN A 180 8.59 12.42 0.55
C ASN A 180 9.69 13.32 1.11
N ILE A 181 9.69 14.59 0.69
CA ILE A 181 10.66 15.57 1.12
C ILE A 181 9.88 16.53 1.97
N LEU A 182 10.34 16.74 3.19
CA LEU A 182 9.68 17.68 4.05
C LEU A 182 10.37 19.04 3.98
N VAL A 183 9.60 20.07 4.28
CA VAL A 183 10.06 21.42 4.45
C VAL A 183 9.95 21.85 5.93
N ALA A 184 11.08 21.92 6.60
CA ALA A 184 11.14 22.32 8.00
C ALA A 184 11.24 23.83 8.19
N GLU A 185 11.36 24.27 9.45
CA GLU A 185 11.57 25.69 9.76
C GLU A 185 12.75 26.27 8.96
N GLY A 186 12.54 27.44 8.37
CA GLY A 186 13.56 28.11 7.54
C GLY A 186 13.55 27.65 6.08
N ARG A 187 12.47 27.01 5.64
CA ARG A 187 12.45 26.39 4.31
C ARG A 187 13.60 25.37 4.10
N LYS A 188 13.88 24.58 5.14
CA LYS A 188 14.93 23.57 5.02
C LYS A 188 14.34 22.23 4.55
N MET A 189 14.94 21.69 3.47
CA MET A 189 14.64 20.36 2.96
C MET A 189 15.03 19.28 3.94
N LYS A 190 14.13 18.32 4.13
CA LYS A 190 14.43 17.11 4.90
C LYS A 190 14.00 15.89 4.08
N ILE A 191 14.97 15.04 3.74
CA ILE A 191 14.63 13.78 3.11
C ILE A 191 13.97 12.90 4.16
N SER A 192 12.88 12.29 3.78
CA SER A 192 12.06 11.52 4.67
C SER A 192 11.68 10.15 4.06
N ASP A 193 10.98 9.34 4.86
CA ASP A 193 10.35 8.08 4.45
C ASP A 193 11.37 7.04 4.02
N PHE A 194 11.92 6.34 5.00
CA PHE A 194 13.03 5.44 4.78
C PHE A 194 12.60 3.97 4.80
N GLY A 195 11.28 3.74 4.72
CA GLY A 195 10.73 2.40 4.75
C GLY A 195 11.31 1.50 3.68
N LEU A 196 11.57 2.09 2.52
CA LEU A 196 11.93 1.32 1.33
C LEU A 196 13.43 1.33 1.03
N SER A 197 14.19 1.93 1.94
CA SER A 197 15.62 2.10 1.73
C SER A 197 16.29 0.80 1.98
N ARG A 198 17.33 0.54 1.22
CA ARG A 198 18.04 -0.71 1.35
C ARG A 198 19.52 -0.43 1.45
N ASP A 199 20.17 -1.34 2.16
CA ASP A 199 21.59 -1.28 2.35
C ASP A 199 22.30 -1.90 1.14
N VAL A 200 23.18 -1.16 0.48
CA VAL A 200 23.93 -1.75 -0.63
C VAL A 200 25.47 -1.82 -0.45
N TYR A 201 25.94 -1.91 0.80
CA TYR A 201 27.39 -2.00 1.07
C TYR A 201 28.08 -3.06 0.20
N GLU A 202 27.56 -4.29 0.28
CA GLU A 202 28.23 -5.46 -0.31
C GLU A 202 28.20 -5.50 -1.84
N GLU A 203 27.02 -5.29 -2.44
CA GLU A 203 26.87 -5.51 -3.89
C GLU A 203 26.74 -4.24 -4.75
N ASP A 204 26.49 -3.11 -4.14
CA ASP A 204 26.22 -1.86 -4.87
C ASP A 204 24.91 -1.84 -5.68
N SER A 205 24.05 -2.81 -5.41
CA SER A 205 22.69 -2.79 -5.94
C SER A 205 21.77 -3.55 -5.03
N VAL A 207 18.26 -5.78 -5.43
CA VAL A 207 17.44 -6.48 -6.41
C VAL A 207 16.21 -7.02 -5.71
N LYS A 208 15.04 -6.66 -6.20
CA LYS A 208 13.79 -7.08 -5.59
C LYS A 208 13.04 -8.06 -6.51
N ARG A 209 12.94 -9.33 -6.11
CA ARG A 209 12.29 -10.32 -6.99
C ARG A 209 10.82 -9.95 -7.35
N SER A 210 9.96 -9.80 -6.34
CA SER A 210 8.57 -9.48 -6.63
C SER A 210 8.40 -8.01 -7.05
N GLN A 211 7.17 -7.59 -7.34
CA GLN A 211 6.93 -6.21 -7.79
C GLN A 211 7.06 -5.21 -6.65
N GLY A 212 7.77 -4.13 -6.92
CA GLY A 212 7.98 -3.09 -5.94
C GLY A 212 6.79 -2.19 -5.63
N ARG A 213 6.99 -1.32 -4.65
CA ARG A 213 5.95 -0.41 -4.24
C ARG A 213 6.26 1.08 -4.42
N ILE A 214 7.23 1.40 -5.27
CA ILE A 214 7.48 2.78 -5.64
C ILE A 214 6.59 3.10 -6.83
N PRO A 215 5.92 4.26 -6.83
CA PRO A 215 5.14 4.65 -8.03
C PRO A 215 5.93 4.48 -9.30
N VAL A 216 5.31 3.95 -10.35
CA VAL A 216 6.08 3.68 -11.57
C VAL A 216 6.61 4.93 -12.24
N LYS A 217 5.91 6.07 -12.13
CA LYS A 217 6.42 7.29 -12.79
C LYS A 217 7.69 7.88 -12.15
N TRP A 218 8.14 7.34 -11.02
CA TRP A 218 9.39 7.77 -10.40
C TRP A 218 10.53 6.74 -10.52
N MET A 219 10.21 5.58 -11.09
CA MET A 219 11.20 4.50 -11.12
C MET A 219 12.11 4.61 -12.34
N ALA A 220 13.35 4.25 -12.16
CA ALA A 220 14.28 4.18 -13.29
C ALA A 220 13.89 3.07 -14.27
N ILE A 221 14.26 3.23 -15.53
CA ILE A 221 14.07 2.18 -16.51
C ILE A 221 14.56 0.77 -16.08
N GLU A 222 15.75 0.65 -15.49
CA GLU A 222 16.23 -0.67 -15.01
C GLU A 222 15.47 -1.14 -13.79
N SER A 223 14.85 -0.23 -13.08
CA SER A 223 14.04 -0.69 -11.94
C SER A 223 12.72 -1.23 -12.44
N LEU A 224 12.12 -0.56 -13.41
CA LEU A 224 10.88 -1.01 -13.98
C LEU A 224 11.01 -2.39 -14.60
N PHE A 225 12.04 -2.56 -15.44
CA PHE A 225 12.18 -3.75 -16.26
C PHE A 225 12.96 -4.88 -15.54
N ASP A 226 14.09 -4.54 -14.89
CA ASP A 226 14.96 -5.56 -14.29
C ASP A 226 14.92 -5.68 -12.76
N HIS A 227 14.14 -4.79 -12.10
CA HIS A 227 13.98 -4.74 -10.63
C HIS A 227 15.30 -4.43 -9.92
N ILE A 228 16.17 -3.70 -10.61
CA ILE A 228 17.47 -3.34 -10.10
C ILE A 228 17.46 -1.91 -9.52
N TYR A 229 17.88 -1.75 -8.27
CA TYR A 229 17.97 -0.41 -7.67
C TYR A 229 19.39 -0.07 -7.21
N THR A 230 19.84 1.11 -7.54
CA THR A 230 21.21 1.53 -7.24
C THR A 230 21.16 3.03 -6.96
N THR A 231 22.30 3.60 -6.62
CA THR A 231 22.40 5.04 -6.49
C THR A 231 22.03 5.72 -7.80
N GLN A 232 22.26 5.06 -8.92
CA GLN A 232 21.95 5.65 -10.21
C GLN A 232 20.44 5.62 -10.52
N SER A 233 19.68 4.69 -9.92
CA SER A 233 18.22 4.82 -10.00
C SER A 233 17.64 5.90 -9.05
N ASP A 234 18.34 6.18 -7.94
CA ASP A 234 18.04 7.36 -7.14
C ASP A 234 18.26 8.60 -7.97
N VAL A 235 19.35 8.66 -8.72
CA VAL A 235 19.56 9.79 -9.62
C VAL A 235 18.39 9.97 -10.60
N TRP A 236 17.95 8.89 -11.25
CA TRP A 236 16.75 8.95 -12.08
C TRP A 236 15.57 9.59 -11.35
N SER A 237 15.32 9.12 -10.12
CA SER A 237 14.22 9.63 -9.33
C SER A 237 14.45 11.09 -9.08
N PHE A 238 15.69 11.47 -8.76
CA PHE A 238 16.01 12.88 -8.54
C PHE A 238 15.65 13.75 -9.73
N GLY A 239 15.82 13.19 -10.92
CA GLY A 239 15.43 13.84 -12.15
C GLY A 239 13.95 14.11 -12.23
N VAL A 240 13.14 13.14 -11.79
CA VAL A 240 11.69 13.34 -11.75
C VAL A 240 11.37 14.40 -10.70
N LEU A 241 12.06 14.32 -9.58
CA LEU A 241 11.86 15.28 -8.52
C LEU A 241 12.21 16.73 -8.97
N LEU A 242 13.36 16.92 -9.63
CA LEU A 242 13.62 18.23 -10.27
C LEU A 242 12.40 18.67 -11.06
N TRP A 243 11.93 17.79 -11.94
CA TRP A 243 10.73 18.13 -12.72
C TRP A 243 9.60 18.61 -11.78
N GLU A 244 9.36 17.88 -10.68
CA GLU A 244 8.33 18.27 -9.71
C GLU A 244 8.60 19.64 -9.09
N ILE A 245 9.87 19.94 -8.87
CA ILE A 245 10.26 21.22 -8.30
C ILE A 245 10.00 22.33 -9.30
N VAL A 246 10.46 22.11 -10.53
CA VAL A 246 10.41 23.17 -11.52
C VAL A 246 8.97 23.53 -11.87
N THR A 247 8.07 22.54 -11.78
CA THR A 247 6.65 22.75 -12.14
C THR A 247 5.85 23.18 -10.93
N LEU A 248 6.52 23.31 -9.79
CA LEU A 248 5.87 23.70 -8.55
C LEU A 248 4.84 22.69 -8.14
N GLY A 249 5.20 21.43 -8.37
CA GLY A 249 4.46 20.31 -7.84
C GLY A 249 3.54 19.71 -8.88
N GLY A 250 3.97 19.67 -10.14
CA GLY A 250 3.16 19.07 -11.18
C GLY A 250 3.13 17.56 -11.06
N ASN A 251 2.30 16.94 -11.90
CA ASN A 251 2.16 15.50 -11.93
C ASN A 251 2.90 14.95 -13.14
N PRO A 252 3.95 14.13 -12.92
CA PRO A 252 4.84 13.73 -14.00
C PRO A 252 4.07 12.94 -15.04
N TYR A 253 4.54 12.95 -16.28
CA TYR A 253 3.84 12.27 -17.36
C TYR A 253 2.33 12.55 -17.22
N PRO A 254 1.91 13.83 -17.30
CA PRO A 254 0.49 14.09 -17.00
C PRO A 254 -0.42 13.49 -18.09
N GLY A 255 -1.54 12.91 -17.66
CA GLY A 255 -2.46 12.20 -18.53
C GLY A 255 -1.94 10.94 -19.19
N ILE A 256 -0.77 10.44 -18.77
CA ILE A 256 -0.25 9.19 -19.32
C ILE A 256 -0.40 8.11 -18.27
N PRO A 257 -1.10 7.01 -18.61
CA PRO A 257 -1.31 5.93 -17.66
C PRO A 257 0.01 5.21 -17.41
N PRO A 258 0.29 4.86 -16.15
CA PRO A 258 1.48 4.16 -15.69
C PRO A 258 1.85 2.96 -16.52
N GLU A 259 0.87 2.19 -16.99
CA GLU A 259 1.18 0.99 -17.78
C GLU A 259 1.80 1.36 -19.13
N ARG A 260 1.53 2.58 -19.60
CA ARG A 260 2.15 2.99 -20.86
C ARG A 260 3.63 3.28 -20.71
N LEU A 261 4.10 3.43 -19.47
CA LEU A 261 5.47 3.87 -19.22
C LEU A 261 6.58 2.93 -19.69
N PHE A 262 6.32 1.63 -19.53
CA PHE A 262 7.23 0.61 -20.01
C PHE A 262 7.67 0.95 -21.42
N ASN A 263 6.69 0.99 -22.31
CA ASN A 263 6.98 1.06 -23.72
C ASN A 263 7.48 2.44 -24.08
N LEU A 264 7.03 3.44 -23.35
CA LEU A 264 7.36 4.83 -23.66
C LEU A 264 8.80 5.07 -23.25
N LEU A 265 9.25 4.38 -22.22
CA LEU A 265 10.63 4.52 -21.75
C LEU A 265 11.61 3.73 -22.61
N LYS A 266 11.32 2.46 -22.90
CA LYS A 266 12.24 1.67 -23.73
C LYS A 266 12.33 2.21 -25.17
N THR A 267 11.25 2.79 -25.69
CA THR A 267 11.30 3.36 -27.01
C THR A 267 11.99 4.72 -26.93
N GLY A 268 12.47 5.06 -25.74
CA GLY A 268 13.29 6.27 -25.55
C GLY A 268 12.62 7.61 -25.37
N HIS A 269 11.32 7.65 -25.11
CA HIS A 269 10.63 8.90 -24.77
C HIS A 269 10.92 9.39 -23.35
N ARG A 270 10.87 10.71 -23.19
CA ARG A 270 11.06 11.37 -21.89
C ARG A 270 10.09 12.57 -21.83
N MET A 271 9.81 13.09 -20.64
CA MET A 271 8.98 14.28 -20.50
C MET A 271 9.60 15.49 -21.20
N GLU A 272 8.80 16.21 -21.99
CA GLU A 272 9.23 17.46 -22.61
C GLU A 272 9.62 18.52 -21.54
N ARG A 273 10.37 19.52 -21.97
CA ARG A 273 10.70 20.68 -21.15
C ARG A 273 9.43 21.41 -20.70
N PRO A 274 9.19 21.49 -19.36
CA PRO A 274 8.03 22.25 -18.82
C PRO A 274 8.28 23.73 -18.94
N ASP A 275 7.24 24.55 -18.78
CA ASP A 275 7.42 26.02 -18.79
C ASP A 275 8.24 26.48 -17.57
N ASN A 276 8.74 27.72 -17.57
CA ASN A 276 9.44 28.26 -16.40
C ASN A 276 10.70 27.45 -16.04
N CYS A 277 11.09 26.57 -16.96
CA CYS A 277 12.29 25.75 -16.78
C CYS A 277 13.38 26.25 -17.71
N SER A 278 14.54 26.58 -17.15
CA SER A 278 15.68 27.04 -17.93
C SER A 278 16.27 25.90 -18.74
N GLU A 279 17.05 26.25 -19.75
CA GLU A 279 17.69 25.26 -20.60
C GLU A 279 18.64 24.37 -19.80
N GLU A 280 19.36 24.96 -18.86
CA GLU A 280 20.42 24.23 -18.13
C GLU A 280 19.84 23.16 -17.19
N MET A 281 18.76 23.56 -16.52
CA MET A 281 17.98 22.69 -15.67
C MET A 281 17.47 21.49 -16.44
N TYR A 282 16.67 21.73 -17.47
CA TYR A 282 16.13 20.65 -18.27
C TYR A 282 17.24 19.73 -18.72
N ARG A 283 18.33 20.30 -19.25
CA ARG A 283 19.51 19.50 -19.69
C ARG A 283 19.87 18.51 -18.59
N LEU A 284 19.87 18.98 -17.33
CA LEU A 284 20.22 18.16 -16.16
C LEU A 284 19.19 17.07 -15.82
N MET A 285 17.90 17.33 -16.03
CA MET A 285 16.88 16.29 -15.85
C MET A 285 17.13 15.19 -16.86
N LEU A 286 17.30 15.55 -18.13
CA LEU A 286 17.55 14.54 -19.17
C LEU A 286 18.71 13.66 -18.79
N GLN A 287 19.81 14.24 -18.31
CA GLN A 287 20.96 13.39 -17.99
C GLN A 287 20.66 12.45 -16.85
N CYS A 288 19.76 12.85 -15.96
CA CYS A 288 19.31 11.99 -14.88
C CYS A 288 18.50 10.84 -15.43
N TRP A 289 17.92 11.04 -16.62
CA TRP A 289 17.08 10.04 -17.29
C TRP A 289 17.76 9.28 -18.45
N LYS A 290 19.10 9.29 -18.51
CA LYS A 290 19.83 8.52 -19.53
C LYS A 290 19.50 7.03 -19.36
N GLN A 291 19.31 6.32 -20.48
CA GLN A 291 18.99 4.89 -20.46
C GLN A 291 20.05 4.06 -19.75
N GLU A 292 21.32 4.42 -19.91
CA GLU A 292 22.35 3.61 -19.29
C GLU A 292 22.76 4.24 -17.95
N PRO A 293 22.62 3.49 -16.84
CA PRO A 293 22.84 4.09 -15.50
C PRO A 293 24.21 4.77 -15.35
N ASP A 294 25.25 4.10 -15.83
CA ASP A 294 26.64 4.55 -15.71
C ASP A 294 26.83 5.93 -16.36
N LYS A 295 25.98 6.27 -17.33
CA LYS A 295 26.09 7.58 -18.01
C LYS A 295 25.43 8.75 -17.28
N ARG A 296 24.80 8.50 -16.15
CA ARG A 296 24.08 9.55 -15.45
C ARG A 296 25.06 10.25 -14.48
N PRO A 297 24.76 11.52 -14.11
CA PRO A 297 25.59 12.18 -13.10
C PRO A 297 25.44 11.50 -11.74
N VAL A 298 26.50 11.48 -10.94
CA VAL A 298 26.41 11.11 -9.54
C VAL A 298 26.01 12.37 -8.77
N PHE A 299 25.56 12.19 -7.53
CA PHE A 299 25.01 13.33 -6.78
C PHE A 299 25.97 14.51 -6.57
N ALA A 300 27.28 14.28 -6.55
CA ALA A 300 28.22 15.40 -6.45
C ALA A 300 28.22 16.25 -7.71
N ASP A 301 28.03 15.63 -8.87
CA ASP A 301 27.94 16.35 -10.14
C ASP A 301 26.66 17.18 -10.18
N ILE A 302 25.58 16.59 -9.68
CA ILE A 302 24.28 17.27 -9.57
C ILE A 302 24.42 18.52 -8.71
N SER A 303 24.99 18.39 -7.51
CA SER A 303 25.23 19.55 -6.66
C SER A 303 26.09 20.63 -7.38
N LYS A 304 27.19 20.23 -7.99
CA LYS A 304 28.07 21.19 -8.67
C LYS A 304 27.27 21.88 -9.78
N ASP A 305 26.43 21.10 -10.48
CA ASP A 305 25.60 21.65 -11.55
C ASP A 305 24.59 22.65 -11.05
N LEU A 306 24.07 22.39 -9.86
CA LEU A 306 23.05 23.25 -9.26
C LEU A 306 23.66 24.55 -8.73
N GLU A 307 24.85 24.43 -8.14
CA GLU A 307 25.74 25.58 -7.87
C GLU A 307 25.99 26.46 -9.11
N LYS A 308 26.35 25.86 -10.23
CA LYS A 308 26.60 26.63 -11.44
C LYS A 308 25.39 27.49 -11.84
N MET A 309 24.18 26.96 -11.63
CA MET A 309 22.93 27.69 -11.91
C MET A 309 22.62 28.75 -10.86
N MET A 310 22.95 28.43 -9.63
CA MET A 310 22.76 29.32 -8.50
C MET A 310 23.65 30.55 -8.65
N VAL A 311 24.82 30.33 -9.25
CA VAL A 311 25.81 31.37 -9.53
C VAL A 311 25.33 32.37 -10.57
N LYS A 312 24.57 31.88 -11.55
CA LYS A 312 23.96 32.76 -12.56
C LYS A 312 22.79 33.58 -11.99
N ARG A 313 22.27 33.22 -10.82
CA ARG A 313 21.15 33.96 -10.19
C ARG A 313 21.54 34.80 -8.95
N ARG A 314 22.42 34.26 -8.09
CA ARG A 314 22.91 35.04 -6.93
C ARG A 314 24.26 35.73 -7.21
N GLY B 1 10.83 -7.52 -17.19
CA GLY B 1 10.42 -8.45 -16.09
C GLY B 1 9.00 -8.95 -16.26
N PRO B 2 8.49 -9.68 -15.25
CA PRO B 2 7.16 -10.36 -15.31
C PRO B 2 6.03 -9.40 -15.66
N LEU B 3 6.14 -8.15 -15.18
CA LEU B 3 5.09 -7.18 -15.35
C LEU B 3 5.11 -6.62 -16.74
N SER B 4 6.28 -6.23 -17.21
CA SER B 4 6.38 -5.67 -18.57
C SER B 4 5.94 -6.72 -19.58
N LEU B 5 6.31 -7.98 -19.36
CA LEU B 5 5.87 -9.06 -20.23
C LEU B 5 4.36 -9.10 -20.21
N SER B 6 3.76 -9.05 -19.01
CA SER B 6 2.29 -9.09 -18.88
C SER B 6 1.60 -7.88 -19.51
N VAL B 7 2.24 -6.72 -19.43
CA VAL B 7 1.59 -5.51 -19.90
C VAL B 7 1.52 -5.55 -21.43
N ASP B 8 2.64 -5.89 -22.06
CA ASP B 8 2.70 -6.13 -23.50
C ASP B 8 1.67 -7.21 -23.99
N ALA B 9 1.66 -8.38 -23.34
CA ALA B 9 0.71 -9.45 -23.66
C ALA B 9 -0.74 -8.97 -23.67
N PHE B 10 -1.05 -8.26 -22.60
CA PHE B 10 -2.37 -7.72 -22.34
C PHE B 10 -2.78 -6.75 -23.44
N LYS B 11 -1.86 -5.85 -23.80
CA LYS B 11 -2.07 -4.87 -24.89
C LYS B 11 -2.20 -5.50 -26.29
N ILE B 12 -1.40 -6.53 -26.57
CA ILE B 12 -1.28 -7.13 -27.94
C ILE B 12 -2.48 -8.00 -28.39
N PRO B 16 -11.35 -8.88 -26.37
CA PRO B 16 -12.32 -9.90 -26.69
C PRO B 16 -13.74 -9.50 -26.42
N LYS B 17 -14.41 -10.32 -25.67
CA LYS B 17 -15.74 -10.04 -25.31
C LYS B 17 -15.68 -9.39 -23.97
N TRP B 18 -14.52 -8.89 -23.58
CA TRP B 18 -14.47 -8.12 -22.34
C TRP B 18 -14.19 -6.62 -22.62
N GLU B 19 -13.81 -6.31 -23.85
CA GLU B 19 -13.55 -4.91 -24.22
C GLU B 19 -14.87 -4.14 -24.34
N PHE B 20 -14.90 -2.93 -23.78
CA PHE B 20 -16.09 -2.09 -23.79
C PHE B 20 -15.63 -0.68 -24.13
N PRO B 21 -16.29 -0.01 -25.10
CA PRO B 21 -15.76 1.29 -25.57
C PRO B 21 -15.77 2.34 -24.47
N ARG B 22 -14.64 3.01 -24.29
CA ARG B 22 -14.52 4.05 -23.26
C ARG B 22 -15.61 5.13 -23.37
N LYS B 23 -15.99 5.51 -24.58
CA LYS B 23 -16.91 6.65 -24.74
C LYS B 23 -18.35 6.34 -24.31
N ASN B 24 -18.67 5.07 -24.08
CA ASN B 24 -19.96 4.62 -23.54
C ASN B 24 -20.00 4.48 -22.01
N LEU B 25 -18.93 4.93 -21.34
CA LEU B 25 -18.80 4.84 -19.88
C LEU B 25 -18.64 6.23 -19.24
N VAL B 26 -19.48 6.54 -18.26
CA VAL B 26 -19.46 7.85 -17.64
C VAL B 26 -19.21 7.66 -16.16
N LEU B 27 -18.08 8.22 -15.70
CA LEU B 27 -17.65 8.06 -14.32
C LEU B 27 -18.36 9.09 -13.45
N GLY B 28 -18.66 8.70 -12.21
CA GLY B 28 -19.24 9.59 -11.21
C GLY B 28 -18.40 9.59 -9.94
N LYS B 29 -19.07 9.71 -8.80
CA LYS B 29 -18.38 9.89 -7.51
C LYS B 29 -17.58 8.70 -7.06
N THR B 30 -16.56 8.96 -6.23
CA THR B 30 -15.71 7.91 -5.70
C THR B 30 -16.50 7.18 -4.63
N LEU B 31 -16.43 5.86 -4.66
CA LEU B 31 -17.14 5.06 -3.70
C LEU B 31 -16.17 4.67 -2.59
N GLY B 32 -14.89 4.47 -2.95
CA GLY B 32 -13.88 4.06 -2.01
C GLY B 32 -12.48 3.88 -2.61
N GLU B 33 -11.47 3.92 -1.73
CA GLU B 33 -10.05 3.72 -2.09
C GLU B 33 -9.55 2.55 -1.28
N LYS B 38 -8.71 2.01 -5.89
CA LYS B 38 -9.78 2.97 -6.15
C LYS B 38 -11.00 2.40 -6.90
N VAL B 39 -12.21 2.83 -6.47
CA VAL B 39 -13.49 2.42 -7.08
C VAL B 39 -14.50 3.58 -7.20
N VAL B 40 -15.07 3.78 -8.39
CA VAL B 40 -16.07 4.82 -8.57
C VAL B 40 -17.43 4.31 -9.07
N LYS B 41 -18.49 5.05 -8.70
CA LYS B 41 -19.81 4.82 -9.28
C LYS B 41 -19.73 5.30 -10.71
N ALA B 42 -20.43 4.61 -11.61
CA ALA B 42 -20.37 4.91 -13.01
C ALA B 42 -21.62 4.41 -13.68
N THR B 43 -21.78 4.76 -14.95
CA THR B 43 -22.92 4.34 -15.74
C THR B 43 -22.43 3.93 -17.13
N ALA B 44 -23.01 2.87 -17.67
CA ALA B 44 -22.48 2.29 -18.88
C ALA B 44 -23.57 2.12 -19.92
N PHE B 45 -23.33 2.65 -21.12
CA PHE B 45 -24.34 2.65 -22.18
C PHE B 45 -24.18 1.41 -23.03
N HIS B 46 -25.25 0.64 -23.17
CA HIS B 46 -25.27 -0.54 -24.01
C HIS B 46 -24.22 -1.60 -23.57
N LEU B 47 -24.22 -1.84 -22.26
CA LEU B 47 -23.35 -2.79 -21.63
C LEU B 47 -23.86 -4.21 -21.88
N LYS B 48 -23.08 -4.97 -22.64
CA LYS B 48 -23.32 -6.40 -22.89
C LYS B 48 -24.79 -6.74 -23.11
N GLY B 49 -25.38 -6.18 -24.16
CA GLY B 49 -26.79 -6.49 -24.46
C GLY B 49 -27.86 -5.84 -23.59
N ARG B 50 -27.47 -5.17 -22.49
CA ARG B 50 -28.42 -4.36 -21.72
C ARG B 50 -28.65 -3.05 -22.48
N ALA B 51 -29.89 -2.81 -22.89
CA ALA B 51 -30.23 -1.61 -23.64
C ALA B 51 -30.21 -0.40 -22.72
N GLY B 52 -29.79 0.74 -23.23
CA GLY B 52 -29.71 1.93 -22.39
C GLY B 52 -28.57 1.95 -21.39
N TYR B 53 -28.79 2.61 -20.25
CA TYR B 53 -27.74 2.81 -19.21
C TYR B 53 -27.87 1.87 -18.04
N THR B 54 -26.72 1.35 -17.60
CA THR B 54 -26.67 0.47 -16.46
C THR B 54 -25.71 1.06 -15.42
N THR B 55 -26.18 1.15 -14.16
CA THR B 55 -25.36 1.56 -13.05
C THR B 55 -24.38 0.43 -12.69
N VAL B 56 -23.10 0.81 -12.60
CA VAL B 56 -21.97 -0.09 -12.40
C VAL B 56 -20.96 0.55 -11.45
N ALA B 57 -20.01 -0.25 -10.97
CA ALA B 57 -18.83 0.30 -10.32
C ALA B 57 -17.64 0.11 -11.27
N VAL B 58 -16.62 0.95 -11.10
CA VAL B 58 -15.44 0.94 -11.95
C VAL B 58 -14.21 0.96 -11.07
N LYS B 59 -13.40 -0.10 -11.17
CA LYS B 59 -12.14 -0.21 -10.44
C LYS B 59 -11.02 0.32 -11.30
N MET B 60 -10.20 1.18 -10.72
CA MET B 60 -9.05 1.71 -11.42
C MET B 60 -7.83 1.80 -10.53
N LEU B 61 -6.71 2.16 -11.18
CA LEU B 61 -5.44 2.46 -10.51
C LEU B 61 -5.54 3.81 -9.83
N LYS B 62 -5.14 3.87 -8.55
CA LYS B 62 -4.97 5.14 -7.84
C LYS B 62 -3.90 6.00 -8.49
N GLU B 63 -3.87 7.27 -8.09
CA GLU B 63 -2.78 8.18 -8.46
C GLU B 63 -1.45 7.61 -7.95
N ASN B 64 -0.47 7.52 -8.85
CA ASN B 64 0.89 7.13 -8.50
C ASN B 64 1.00 5.63 -8.20
N ALA B 65 0.36 4.84 -9.03
CA ALA B 65 0.37 3.39 -8.85
C ALA B 65 1.76 2.83 -8.98
N SER B 66 2.10 1.91 -8.09
CA SER B 66 3.33 1.16 -8.17
C SER B 66 3.14 -0.07 -9.06
N PRO B 67 4.24 -0.67 -9.54
CA PRO B 67 4.13 -1.89 -10.33
C PRO B 67 3.24 -2.94 -9.63
N SER B 68 3.42 -3.06 -8.33
CA SER B 68 2.73 -3.99 -7.50
C SER B 68 1.20 -3.82 -7.65
N GLU B 69 0.76 -2.57 -7.66
CA GLU B 69 -0.68 -2.27 -7.80
C GLU B 69 -1.15 -2.52 -9.22
N LEU B 70 -0.32 -2.19 -10.21
CA LEU B 70 -0.63 -2.50 -11.61
C LEU B 70 -0.85 -3.99 -11.78
N ARG B 71 0.09 -4.79 -11.26
CA ARG B 71 -0.03 -6.23 -11.30
C ARG B 71 -1.29 -6.74 -10.60
N ASP B 72 -1.61 -6.21 -9.42
CA ASP B 72 -2.85 -6.54 -8.71
C ASP B 72 -4.12 -6.24 -9.53
N LEU B 73 -4.14 -5.12 -10.24
CA LEU B 73 -5.28 -4.82 -11.09
C LEU B 73 -5.38 -5.86 -12.23
N LEU B 74 -4.27 -6.21 -12.89
CA LEU B 74 -4.28 -7.14 -14.05
C LEU B 74 -4.72 -8.53 -13.63
N SER B 75 -4.38 -8.83 -12.38
CA SER B 75 -4.62 -10.10 -11.75
C SER B 75 -6.10 -10.24 -11.40
N GLU B 76 -6.67 -9.20 -10.80
CA GLU B 76 -8.09 -9.13 -10.51
C GLU B 76 -8.88 -9.41 -11.80
N PHE B 77 -8.59 -8.63 -12.85
CA PHE B 77 -9.20 -8.78 -14.13
C PHE B 77 -9.14 -10.23 -14.64
N ASN B 78 -7.95 -10.83 -14.56
CA ASN B 78 -7.75 -12.17 -15.04
C ASN B 78 -8.53 -13.23 -14.24
N VAL B 79 -8.65 -13.04 -12.93
CA VAL B 79 -9.43 -13.93 -12.09
C VAL B 79 -10.93 -13.73 -12.34
N LEU B 80 -11.36 -12.47 -12.42
CA LEU B 80 -12.77 -12.14 -12.63
C LEU B 80 -13.31 -12.62 -13.97
N LYS B 81 -12.47 -12.68 -15.00
CA LYS B 81 -12.83 -13.34 -16.27
C LYS B 81 -13.28 -14.80 -16.12
N GLN B 82 -12.82 -15.48 -15.07
CA GLN B 82 -12.95 -16.95 -14.93
C GLN B 82 -14.05 -17.37 -13.96
N VAL B 83 -14.63 -16.40 -13.28
CA VAL B 83 -15.32 -16.66 -12.04
C VAL B 83 -16.78 -16.26 -12.18
N ASN B 84 -17.69 -17.06 -11.62
CA ASN B 84 -19.11 -16.84 -11.86
C ASN B 84 -20.12 -17.50 -10.89
N HIS B 85 -20.62 -16.75 -9.93
CA HIS B 85 -21.35 -17.30 -8.80
C HIS B 85 -22.21 -16.21 -8.20
N PRO B 86 -23.44 -16.57 -7.76
CA PRO B 86 -24.32 -15.50 -7.27
C PRO B 86 -23.71 -14.66 -6.17
N HIS B 87 -22.74 -15.21 -5.44
CA HIS B 87 -22.11 -14.45 -4.35
C HIS B 87 -20.67 -14.00 -4.52
N VAL B 88 -20.26 -13.85 -5.78
CA VAL B 88 -18.97 -13.27 -6.16
C VAL B 88 -19.28 -12.10 -7.08
N ILE B 89 -18.61 -10.98 -6.85
CA ILE B 89 -18.93 -9.78 -7.61
C ILE B 89 -18.67 -10.09 -9.08
N LYS B 90 -19.50 -9.54 -9.97
CA LYS B 90 -19.46 -9.93 -11.36
C LYS B 90 -18.74 -8.89 -12.18
N LEU B 91 -17.92 -9.35 -13.11
CA LEU B 91 -17.23 -8.46 -14.01
C LEU B 91 -18.02 -8.29 -15.31
N TYR B 92 -18.19 -7.05 -15.80
CA TYR B 92 -18.88 -6.81 -17.08
C TYR B 92 -17.97 -6.57 -18.25
N GLY B 93 -16.81 -5.97 -18.00
CA GLY B 93 -15.88 -5.64 -19.06
C GLY B 93 -14.73 -4.79 -18.56
N ALA B 94 -14.02 -4.21 -19.52
CA ALA B 94 -12.87 -3.37 -19.22
C ALA B 94 -12.58 -2.38 -20.35
N CYS B 95 -11.97 -1.26 -20.01
CA CYS B 95 -11.48 -0.31 -21.00
C CYS B 95 -9.98 -0.20 -20.83
N SER B 96 -9.24 -0.52 -21.90
CA SER B 96 -7.77 -0.38 -21.91
C SER B 96 -7.22 0.23 -23.20
N GLN B 97 -8.08 0.29 -24.22
CA GLN B 97 -7.67 0.68 -25.58
C GLN B 97 -6.88 1.98 -25.52
N ASP B 98 -7.50 3.04 -24.99
CA ASP B 98 -6.78 4.29 -24.71
C ASP B 98 -6.93 4.55 -23.19
N GLY B 99 -6.65 5.77 -22.73
CA GLY B 99 -6.77 6.10 -21.31
C GLY B 99 -6.41 5.02 -20.29
N PRO B 100 -6.67 5.28 -19.01
CA PRO B 100 -6.28 4.36 -17.93
C PRO B 100 -7.08 3.06 -17.94
N LEU B 101 -6.46 1.98 -17.47
CA LEU B 101 -7.13 0.69 -17.37
C LEU B 101 -8.26 0.74 -16.32
N LEU B 102 -9.46 0.32 -16.74
CA LEU B 102 -10.67 0.41 -15.93
C LEU B 102 -11.37 -0.91 -16.02
N LEU B 103 -11.78 -1.45 -14.88
CA LEU B 103 -12.59 -2.66 -14.89
C LEU B 103 -13.99 -2.29 -14.47
N ILE B 104 -14.96 -2.74 -15.25
CA ILE B 104 -16.35 -2.41 -15.02
C ILE B 104 -17.00 -3.61 -14.34
N VAL B 105 -17.50 -3.40 -13.13
CA VAL B 105 -17.97 -4.47 -12.25
C VAL B 105 -19.36 -4.20 -11.68
N GLU B 106 -20.00 -5.24 -11.15
CA GLU B 106 -21.30 -5.14 -10.52
C GLU B 106 -21.34 -4.05 -9.46
N TYR B 107 -22.41 -3.26 -9.47
CA TYR B 107 -22.60 -2.23 -8.47
C TYR B 107 -23.30 -2.82 -7.28
N ALA B 108 -22.74 -2.59 -6.08
CA ALA B 108 -23.38 -3.06 -4.85
C ALA B 108 -23.92 -1.90 -4.05
N LYS B 109 -25.25 -1.73 -4.07
CA LYS B 109 -25.91 -0.51 -3.53
C LYS B 109 -25.72 -0.19 -2.05
N TYR B 110 -25.34 -1.17 -1.22
CA TYR B 110 -25.14 -0.91 0.21
C TYR B 110 -23.68 -0.77 0.60
N GLY B 111 -22.80 -0.83 -0.38
CA GLY B 111 -21.37 -0.78 -0.13
C GLY B 111 -20.82 -1.99 0.59
N SER B 112 -19.76 -1.75 1.34
CA SER B 112 -19.03 -2.82 2.01
C SER B 112 -19.84 -3.43 3.16
N LEU B 113 -19.57 -4.68 3.47
CA LEU B 113 -20.23 -5.34 4.57
C LEU B 113 -19.85 -4.69 5.90
N ARG B 114 -18.64 -4.19 6.02
CA ARG B 114 -18.23 -3.54 7.25
C ARG B 114 -19.06 -2.27 7.46
N GLY B 115 -19.12 -1.42 6.44
CA GLY B 115 -19.86 -0.16 6.53
C GLY B 115 -21.33 -0.45 6.85
N PHE B 116 -21.86 -1.47 6.18
CA PHE B 116 -23.24 -1.87 6.32
C PHE B 116 -23.55 -2.43 7.70
N LEU B 117 -22.65 -3.23 8.26
CA LEU B 117 -22.87 -3.72 9.60
C LEU B 117 -22.78 -2.57 10.59
N ARG B 118 -21.78 -1.72 10.44
CA ARG B 118 -21.57 -0.61 11.37
C ARG B 118 -22.71 0.43 11.41
N GLU B 119 -23.49 0.56 10.34
CA GLU B 119 -24.66 1.44 10.29
C GLU B 119 -25.87 0.78 10.96
N SER B 120 -25.67 -0.27 11.74
CA SER B 120 -26.81 -0.92 12.36
C SER B 120 -26.51 -1.41 13.77
N ALA B 146 -31.46 -2.46 11.75
CA ALA B 146 -31.90 -3.52 12.69
C ALA B 146 -31.90 -4.89 12.04
N LEU B 147 -31.10 -5.80 12.61
CA LEU B 147 -30.79 -7.06 11.95
C LEU B 147 -30.85 -8.16 12.96
N THR B 148 -31.45 -9.28 12.56
CA THR B 148 -31.54 -10.47 13.40
C THR B 148 -30.24 -11.29 13.30
N MET B 149 -30.04 -12.21 14.25
CA MET B 149 -28.94 -13.18 14.15
C MET B 149 -29.18 -14.09 12.93
N GLY B 150 -30.44 -14.17 12.50
CA GLY B 150 -30.83 -14.93 11.31
C GLY B 150 -30.23 -14.27 10.08
N ASP B 151 -30.39 -12.94 9.98
CA ASP B 151 -29.74 -12.12 8.94
C ASP B 151 -28.21 -12.31 8.96
N LEU B 152 -27.62 -12.23 10.14
CA LEU B 152 -26.18 -12.40 10.28
C LEU B 152 -25.68 -13.77 9.80
N ILE B 153 -26.34 -14.86 10.25
CA ILE B 153 -25.95 -16.20 9.84
C ILE B 153 -26.08 -16.38 8.33
N SER B 154 -27.18 -15.89 7.78
CA SER B 154 -27.40 -15.96 6.33
C SER B 154 -26.27 -15.26 5.53
N PHE B 155 -25.76 -14.15 6.08
CA PHE B 155 -24.67 -13.43 5.44
C PHE B 155 -23.46 -14.31 5.37
N ALA B 156 -23.09 -14.90 6.50
CA ALA B 156 -21.95 -15.81 6.56
C ALA B 156 -22.14 -16.99 5.60
N TRP B 157 -23.36 -17.54 5.61
CA TRP B 157 -23.65 -18.67 4.75
C TRP B 157 -23.45 -18.30 3.27
N GLN B 158 -23.92 -17.13 2.85
CA GLN B 158 -23.81 -16.72 1.45
C GLN B 158 -22.33 -16.63 1.05
N ILE B 159 -21.52 -16.05 1.94
CA ILE B 159 -20.08 -15.96 1.69
C ILE B 159 -19.40 -17.33 1.72
N SER B 160 -19.81 -18.18 2.66
CA SER B 160 -19.22 -19.51 2.77
C SER B 160 -19.37 -20.27 1.47
N GLN B 161 -20.57 -20.13 0.92
CA GLN B 161 -20.99 -20.72 -0.33
C GLN B 161 -20.12 -20.16 -1.48
N GLY B 162 -19.91 -18.85 -1.52
CA GLY B 162 -18.99 -18.26 -2.50
C GLY B 162 -17.54 -18.75 -2.34
N MET B 163 -17.07 -18.80 -1.10
CA MET B 163 -15.75 -19.40 -0.81
C MET B 163 -15.65 -20.84 -1.32
N GLN B 164 -16.67 -21.66 -1.02
CA GLN B 164 -16.78 -23.05 -1.50
C GLN B 164 -16.60 -23.16 -3.02
N TYR B 165 -17.31 -22.31 -3.74
CA TYR B 165 -17.14 -22.23 -5.18
C TYR B 165 -15.69 -21.86 -5.54
N LEU B 166 -15.14 -20.83 -4.88
CA LEU B 166 -13.77 -20.40 -5.18
C LEU B 166 -12.75 -21.49 -4.82
N ALA B 167 -12.99 -22.22 -3.74
CA ALA B 167 -12.11 -23.34 -3.37
C ALA B 167 -12.15 -24.43 -4.44
N GLU B 168 -13.36 -24.73 -4.93
CA GLU B 168 -13.52 -25.72 -6.01
C GLU B 168 -12.74 -25.30 -7.23
N MET B 169 -12.73 -24.02 -7.54
CA MET B 169 -11.99 -23.56 -8.72
C MET B 169 -10.46 -23.54 -8.46
N LYS B 170 -10.05 -24.10 -7.32
CA LYS B 170 -8.63 -24.05 -6.87
C LYS B 170 -8.06 -22.59 -6.72
N LEU B 171 -8.83 -21.70 -6.11
CA LEU B 171 -8.40 -20.33 -5.90
C LEU B 171 -8.29 -20.03 -4.43
N VAL B 172 -7.14 -19.48 -4.04
CA VAL B 172 -6.95 -19.01 -2.70
C VAL B 172 -7.17 -17.49 -2.72
N HIS B 173 -8.09 -17.02 -1.88
CA HIS B 173 -8.49 -15.62 -1.90
C HIS B 173 -7.50 -14.72 -1.14
N ARG B 174 -7.13 -15.15 0.07
CA ARG B 174 -6.12 -14.49 0.92
C ARG B 174 -6.64 -13.28 1.72
N ASP B 175 -7.50 -12.48 1.12
CA ASP B 175 -7.85 -11.18 1.66
C ASP B 175 -9.31 -11.04 2.08
N LEU B 176 -9.88 -12.11 2.60
CA LEU B 176 -11.27 -12.15 2.97
C LEU B 176 -11.53 -11.44 4.30
N ALA B 177 -12.39 -10.43 4.30
CA ALA B 177 -12.65 -9.61 5.47
C ALA B 177 -13.86 -8.81 5.18
N ALA B 178 -14.57 -8.38 6.21
CA ALA B 178 -15.80 -7.63 5.98
C ALA B 178 -15.64 -6.42 5.05
N ARG B 179 -14.49 -5.73 5.06
CA ARG B 179 -14.32 -4.58 4.17
C ARG B 179 -14.22 -4.96 2.68
N ASN B 180 -14.01 -6.25 2.41
CA ASN B 180 -13.91 -6.78 1.06
C ASN B 180 -15.13 -7.59 0.62
N ILE B 181 -16.16 -7.62 1.46
CA ILE B 181 -17.41 -8.19 1.05
C ILE B 181 -18.35 -7.04 0.76
N LEU B 182 -19.09 -7.15 -0.34
CA LEU B 182 -20.08 -6.11 -0.70
C LEU B 182 -21.52 -6.58 -0.45
N VAL B 183 -22.40 -5.61 -0.22
CA VAL B 183 -23.78 -5.87 0.03
C VAL B 183 -24.59 -5.27 -1.12
N ALA B 184 -25.00 -6.11 -2.05
CA ALA B 184 -25.73 -5.68 -3.24
C ALA B 184 -27.26 -5.62 -3.00
N GLU B 185 -28.03 -5.39 -4.07
CA GLU B 185 -29.51 -5.37 -3.96
C GLU B 185 -30.09 -6.63 -3.28
N GLY B 186 -31.07 -6.43 -2.39
CA GLY B 186 -31.69 -7.52 -1.63
C GLY B 186 -30.83 -8.01 -0.48
N ARG B 187 -29.88 -7.17 -0.06
CA ARG B 187 -28.89 -7.58 0.94
C ARG B 187 -28.10 -8.82 0.56
N LYS B 188 -27.70 -8.92 -0.71
CA LYS B 188 -26.88 -10.03 -1.16
C LYS B 188 -25.38 -9.78 -0.98
N MET B 189 -24.73 -10.73 -0.29
CA MET B 189 -23.29 -10.77 -0.17
C MET B 189 -22.61 -10.99 -1.52
N LYS B 190 -21.62 -10.15 -1.80
CA LYS B 190 -20.73 -10.35 -2.94
C LYS B 190 -19.26 -10.33 -2.50
N ILE B 191 -18.59 -11.47 -2.61
CA ILE B 191 -17.14 -11.49 -2.42
C ILE B 191 -16.46 -10.63 -3.48
N SER B 192 -15.52 -9.82 -3.03
CA SER B 192 -14.85 -8.86 -3.87
C SER B 192 -13.33 -8.86 -3.65
N ASP B 193 -12.64 -7.96 -4.34
CA ASP B 193 -11.18 -7.72 -4.24
C ASP B 193 -10.35 -8.99 -4.47
N PHE B 194 -10.19 -9.36 -5.73
CA PHE B 194 -9.39 -10.52 -6.13
C PHE B 194 -7.95 -10.17 -6.50
N GLY B 195 -7.53 -8.96 -6.15
CA GLY B 195 -6.17 -8.54 -6.45
C GLY B 195 -5.13 -9.53 -5.94
N LEU B 196 -5.34 -10.03 -4.71
CA LEU B 196 -4.36 -10.88 -4.03
C LEU B 196 -4.63 -12.36 -4.19
N SER B 197 -5.66 -12.70 -4.93
CA SER B 197 -6.01 -14.09 -5.16
C SER B 197 -4.96 -14.79 -5.97
N ARG B 198 -4.78 -16.09 -5.68
CA ARG B 198 -3.77 -16.90 -6.36
C ARG B 198 -4.28 -18.28 -6.76
N ASP B 199 -3.76 -18.73 -7.89
CA ASP B 199 -4.05 -20.05 -8.42
C ASP B 199 -3.30 -21.15 -7.63
N VAL B 200 -4.02 -22.13 -7.11
CA VAL B 200 -3.39 -23.27 -6.46
C VAL B 200 -3.69 -24.66 -7.07
N TYR B 201 -3.97 -24.72 -8.38
CA TYR B 201 -4.27 -26.01 -9.04
C TYR B 201 -3.16 -27.05 -8.85
N GLU B 202 -1.93 -26.70 -9.22
CA GLU B 202 -0.79 -27.60 -9.12
C GLU B 202 -0.47 -28.01 -7.66
N GLU B 203 0.00 -27.06 -6.86
CA GLU B 203 0.65 -27.37 -5.58
C GLU B 203 -0.29 -27.36 -4.36
N ASP B 204 -1.51 -26.88 -4.55
CA ASP B 204 -2.49 -26.68 -3.44
C ASP B 204 -2.12 -25.67 -2.36
N SER B 205 -1.01 -24.97 -2.58
CA SER B 205 -0.63 -23.88 -1.68
C SER B 205 0.00 -22.75 -2.48
N VAL B 207 2.83 -19.86 -1.85
CA VAL B 207 3.91 -19.51 -0.95
C VAL B 207 4.57 -18.21 -1.39
N LYS B 208 4.40 -17.18 -0.57
CA LYS B 208 4.98 -15.87 -0.87
C LYS B 208 6.32 -15.61 -0.14
N ARG B 209 7.42 -15.50 -0.89
CA ARG B 209 8.72 -15.28 -0.25
C ARG B 209 8.76 -13.96 0.55
N SER B 210 8.43 -12.84 -0.09
CA SER B 210 8.52 -11.58 0.61
C SER B 210 7.29 -11.40 1.54
N GLN B 211 7.17 -10.24 2.18
CA GLN B 211 6.08 -10.03 3.14
C GLN B 211 4.79 -9.66 2.41
N GLY B 212 3.70 -10.25 2.81
CA GLY B 212 2.43 -9.97 2.19
C GLY B 212 1.79 -8.65 2.54
N ARG B 213 0.74 -8.33 1.79
CA ARG B 213 -0.08 -7.15 2.01
C ARG B 213 -1.47 -7.44 2.61
N ILE B 214 -1.67 -8.60 3.22
CA ILE B 214 -2.93 -8.85 3.93
C ILE B 214 -2.75 -8.45 5.39
N PRO B 215 -3.69 -7.67 5.95
CA PRO B 215 -3.53 -7.23 7.35
C PRO B 215 -3.21 -8.39 8.29
N VAL B 216 -2.30 -8.22 9.24
CA VAL B 216 -1.87 -9.35 10.07
C VAL B 216 -3.01 -9.95 10.87
N LYS B 217 -3.99 -9.14 11.23
CA LYS B 217 -5.06 -9.61 12.10
C LYS B 217 -6.09 -10.53 11.40
N TRP B 218 -5.95 -10.71 10.07
CA TRP B 218 -6.78 -11.62 9.27
C TRP B 218 -5.99 -12.82 8.75
N MET B 219 -4.68 -12.82 8.95
CA MET B 219 -3.84 -13.91 8.42
C MET B 219 -3.82 -15.13 9.35
N ALA B 220 -3.81 -16.31 8.73
CA ALA B 220 -3.60 -17.55 9.47
C ALA B 220 -2.20 -17.54 10.10
N ILE B 221 -2.05 -18.21 11.23
CA ILE B 221 -0.73 -18.44 11.85
C ILE B 221 0.35 -18.96 10.86
N GLU B 222 0.02 -19.95 10.02
CA GLU B 222 0.99 -20.43 9.03
C GLU B 222 1.31 -19.36 7.99
N SER B 223 0.37 -18.45 7.73
CA SER B 223 0.66 -17.40 6.76
C SER B 223 1.59 -16.36 7.40
N LEU B 224 1.32 -16.04 8.66
CA LEU B 224 2.14 -15.13 9.44
C LEU B 224 3.58 -15.59 9.57
N PHE B 225 3.77 -16.84 9.97
CA PHE B 225 5.10 -17.35 10.27
C PHE B 225 5.82 -17.92 9.06
N ASP B 226 5.16 -18.74 8.22
CA ASP B 226 5.85 -19.45 7.13
C ASP B 226 5.48 -18.98 5.74
N HIS B 227 4.60 -17.97 5.64
CA HIS B 227 4.17 -17.34 4.37
C HIS B 227 3.42 -18.32 3.47
N ILE B 228 2.69 -19.24 4.08
CA ILE B 228 1.97 -20.30 3.36
C ILE B 228 0.48 -19.96 3.25
N TYR B 229 -0.05 -19.94 2.03
CA TYR B 229 -1.49 -19.71 1.84
C TYR B 229 -2.23 -20.86 1.18
N THR B 230 -3.28 -21.31 1.83
CA THR B 230 -4.12 -22.42 1.30
C THR B 230 -5.59 -22.07 1.52
N THR B 231 -6.48 -22.91 0.98
CA THR B 231 -7.90 -22.80 1.31
C THR B 231 -8.10 -22.83 2.82
N GLN B 232 -7.21 -23.49 3.55
CA GLN B 232 -7.34 -23.55 5.01
C GLN B 232 -6.92 -22.23 5.68
N SER B 233 -6.03 -21.46 5.06
CA SER B 233 -5.79 -20.09 5.57
C SER B 233 -6.97 -19.13 5.31
N ASP B 234 -7.67 -19.32 4.18
CA ASP B 234 -8.92 -18.62 3.87
C ASP B 234 -9.96 -18.97 4.92
N VAL B 235 -9.99 -20.23 5.35
CA VAL B 235 -10.92 -20.64 6.41
C VAL B 235 -10.64 -19.90 7.71
N TRP B 236 -9.36 -19.78 8.08
CA TRP B 236 -8.94 -18.95 9.23
C TRP B 236 -9.49 -17.54 9.11
N SER B 237 -9.38 -16.96 7.91
CA SER B 237 -9.79 -15.57 7.68
C SER B 237 -11.28 -15.47 7.78
N PHE B 238 -11.94 -16.52 7.27
CA PHE B 238 -13.38 -16.59 7.33
C PHE B 238 -13.85 -16.60 8.79
N GLY B 239 -13.09 -17.31 9.63
CA GLY B 239 -13.26 -17.24 11.07
C GLY B 239 -13.23 -15.82 11.61
N VAL B 240 -12.26 -15.03 11.15
CA VAL B 240 -12.12 -13.65 11.61
C VAL B 240 -13.31 -12.88 11.10
N LEU B 241 -13.73 -13.18 9.87
CA LEU B 241 -14.88 -12.52 9.28
C LEU B 241 -16.16 -12.81 10.06
N LEU B 242 -16.34 -14.06 10.49
CA LEU B 242 -17.50 -14.39 11.36
C LEU B 242 -17.53 -13.47 12.55
N TRP B 243 -16.38 -13.33 13.22
CA TRP B 243 -16.26 -12.41 14.34
C TRP B 243 -16.72 -11.00 13.92
N GLU B 244 -16.29 -10.52 12.74
CA GLU B 244 -16.67 -9.19 12.33
C GLU B 244 -18.19 -9.11 12.21
N ILE B 245 -18.78 -10.15 11.64
CA ILE B 245 -20.21 -10.19 11.40
C ILE B 245 -20.96 -10.09 12.72
N VAL B 246 -20.62 -10.97 13.66
CA VAL B 246 -21.34 -11.07 14.92
C VAL B 246 -21.23 -9.80 15.78
N THR B 247 -20.14 -9.06 15.64
CA THR B 247 -19.95 -7.83 16.43
C THR B 247 -20.40 -6.60 15.65
N LEU B 248 -21.03 -6.83 14.49
CA LEU B 248 -21.55 -5.73 13.68
C LEU B 248 -20.40 -4.81 13.27
N GLY B 249 -19.32 -5.43 12.82
CA GLY B 249 -18.18 -4.72 12.30
C GLY B 249 -17.20 -4.28 13.37
N GLY B 250 -16.97 -5.13 14.37
CA GLY B 250 -16.00 -4.83 15.41
C GLY B 250 -14.61 -4.93 14.81
N ASN B 251 -13.63 -4.34 15.49
CA ASN B 251 -12.22 -4.41 15.07
C ASN B 251 -11.56 -5.56 15.79
N PRO B 252 -11.02 -6.54 15.05
CA PRO B 252 -10.48 -7.74 15.71
C PRO B 252 -9.34 -7.43 16.63
N TYR B 253 -9.13 -8.30 17.61
CA TYR B 253 -8.07 -8.13 18.60
C TYR B 253 -7.96 -6.66 19.02
N PRO B 254 -9.05 -6.11 19.55
CA PRO B 254 -9.09 -4.66 19.82
C PRO B 254 -8.04 -4.21 20.87
N GLY B 255 -7.36 -3.08 20.60
CA GLY B 255 -6.32 -2.55 21.48
C GLY B 255 -5.06 -3.42 21.57
N ILE B 256 -4.98 -4.44 20.71
CA ILE B 256 -3.76 -5.24 20.56
C ILE B 256 -3.02 -4.81 19.27
N PRO B 257 -1.76 -4.44 19.40
CA PRO B 257 -0.96 -4.00 18.26
C PRO B 257 -0.60 -5.20 17.41
N PRO B 258 -0.63 -5.05 16.06
CA PRO B 258 -0.32 -6.11 15.10
C PRO B 258 0.94 -6.89 15.42
N GLU B 259 1.99 -6.22 15.89
CA GLU B 259 3.25 -6.91 16.17
C GLU B 259 3.15 -7.94 17.33
N ARG B 260 2.18 -7.75 18.22
CA ARG B 260 2.01 -8.69 19.36
C ARG B 260 1.35 -10.00 18.94
N LEU B 261 0.78 -10.04 17.73
CA LEU B 261 0.01 -11.18 17.28
C LEU B 261 0.83 -12.44 17.07
N PHE B 262 2.00 -12.27 16.49
CA PHE B 262 2.93 -13.37 16.34
C PHE B 262 2.94 -14.18 17.64
N ASN B 263 3.35 -13.52 18.72
CA ASN B 263 3.58 -14.25 19.95
C ASN B 263 2.30 -14.74 20.58
N LEU B 264 1.24 -13.95 20.46
CA LEU B 264 -0.05 -14.26 21.06
C LEU B 264 -0.65 -15.51 20.40
N LEU B 265 -0.49 -15.61 19.09
CA LEU B 265 -1.01 -16.73 18.33
C LEU B 265 -0.20 -18.00 18.60
N LYS B 266 1.13 -17.91 18.59
CA LYS B 266 1.93 -19.13 18.72
C LYS B 266 1.81 -19.72 20.11
N THR B 267 1.55 -18.88 21.10
CA THR B 267 1.36 -19.37 22.46
C THR B 267 -0.09 -19.80 22.69
N GLY B 268 -0.89 -19.81 21.62
CA GLY B 268 -2.26 -20.36 21.66
C GLY B 268 -3.43 -19.48 22.05
N HIS B 269 -3.23 -18.17 22.20
CA HIS B 269 -4.34 -17.25 22.49
C HIS B 269 -5.21 -16.98 21.25
N ARG B 270 -6.48 -16.72 21.53
CA ARG B 270 -7.51 -16.47 20.53
C ARG B 270 -8.51 -15.46 21.13
N MET B 271 -9.23 -14.75 20.27
CA MET B 271 -10.26 -13.82 20.70
C MET B 271 -11.35 -14.50 21.48
N GLU B 272 -11.72 -13.86 22.57
CA GLU B 272 -12.72 -14.36 23.49
C GLU B 272 -14.10 -14.33 22.78
N ARG B 273 -15.06 -15.12 23.27
CA ARG B 273 -16.41 -15.09 22.77
C ARG B 273 -17.01 -13.68 22.90
N PRO B 274 -17.35 -13.03 21.77
CA PRO B 274 -17.99 -11.70 21.80
C PRO B 274 -19.40 -11.76 22.38
N ASP B 275 -19.92 -10.63 22.86
CA ASP B 275 -21.30 -10.55 23.36
C ASP B 275 -22.26 -10.88 22.22
N ASN B 276 -23.43 -11.42 22.55
CA ASN B 276 -24.46 -11.69 21.53
C ASN B 276 -24.06 -12.73 20.49
N CYS B 277 -23.33 -13.74 20.92
CA CYS B 277 -22.84 -14.77 20.02
C CYS B 277 -23.33 -16.07 20.58
N SER B 278 -23.84 -16.96 19.72
CA SER B 278 -24.29 -18.27 20.20
C SER B 278 -23.06 -19.08 20.62
N GLU B 279 -23.27 -20.19 21.34
CA GLU B 279 -22.15 -21.06 21.68
C GLU B 279 -21.64 -21.72 20.42
N GLU B 280 -22.59 -22.11 19.56
CA GLU B 280 -22.30 -22.90 18.37
C GLU B 280 -21.50 -22.05 17.37
N MET B 281 -21.89 -20.77 17.26
CA MET B 281 -21.24 -19.82 16.37
C MET B 281 -19.78 -19.68 16.77
N TYR B 282 -19.54 -19.33 18.03
CA TYR B 282 -18.20 -19.20 18.55
C TYR B 282 -17.41 -20.47 18.31
N ARG B 283 -18.02 -21.62 18.63
CA ARG B 283 -17.35 -22.91 18.47
C ARG B 283 -16.82 -23.03 17.06
N LEU B 284 -17.61 -22.55 16.12
CA LEU B 284 -17.24 -22.51 14.70
C LEU B 284 -16.02 -21.59 14.40
N MET B 285 -15.96 -20.43 15.05
CA MET B 285 -14.84 -19.51 14.89
C MET B 285 -13.56 -20.13 15.41
N LEU B 286 -13.58 -20.68 16.63
CA LEU B 286 -12.37 -21.32 17.18
C LEU B 286 -11.89 -22.43 16.25
N GLN B 287 -12.82 -23.24 15.74
CA GLN B 287 -12.40 -24.36 14.88
C GLN B 287 -11.74 -23.81 13.59
N CYS B 288 -12.21 -22.65 13.14
CA CYS B 288 -11.58 -21.94 12.05
C CYS B 288 -10.17 -21.56 12.44
N TRP B 289 -9.95 -21.30 13.73
CA TRP B 289 -8.64 -20.78 14.20
C TRP B 289 -7.70 -21.83 14.77
N LYS B 290 -8.02 -23.12 14.61
CA LYS B 290 -7.12 -24.20 15.05
C LYS B 290 -5.72 -23.94 14.50
N GLN B 291 -4.71 -24.19 15.33
CA GLN B 291 -3.31 -24.09 14.91
C GLN B 291 -3.02 -24.92 13.67
N GLU B 292 -3.61 -26.11 13.58
CA GLU B 292 -3.24 -27.00 12.47
C GLU B 292 -4.27 -26.94 11.35
N PRO B 293 -3.85 -26.53 10.15
CA PRO B 293 -4.77 -26.34 9.00
C PRO B 293 -5.70 -27.53 8.72
N ASP B 294 -5.16 -28.75 8.79
CA ASP B 294 -5.97 -29.95 8.55
C ASP B 294 -7.01 -30.15 9.66
N LYS B 295 -6.82 -29.58 10.84
CA LYS B 295 -7.88 -29.71 11.86
C LYS B 295 -9.02 -28.72 11.65
N ARG B 296 -8.87 -27.78 10.73
CA ARG B 296 -9.89 -26.75 10.51
C ARG B 296 -10.99 -27.29 9.59
N PRO B 297 -12.27 -26.86 9.81
CA PRO B 297 -13.34 -27.34 8.93
C PRO B 297 -13.08 -26.86 7.51
N VAL B 298 -13.62 -27.56 6.52
CA VAL B 298 -13.53 -27.13 5.11
C VAL B 298 -14.75 -26.31 4.76
N PHE B 299 -14.66 -25.51 3.69
CA PHE B 299 -15.81 -24.62 3.36
C PHE B 299 -17.15 -25.35 3.26
N ALA B 300 -17.19 -26.45 2.50
CA ALA B 300 -18.36 -27.33 2.46
C ALA B 300 -18.97 -27.62 3.84
N ASP B 301 -18.15 -27.89 4.85
CA ASP B 301 -18.70 -28.19 6.18
C ASP B 301 -19.21 -26.95 6.93
N ILE B 302 -18.61 -25.79 6.64
CA ILE B 302 -19.06 -24.48 7.20
C ILE B 302 -20.46 -24.08 6.67
N SER B 303 -20.68 -24.23 5.37
CA SER B 303 -22.01 -24.01 4.78
C SER B 303 -23.09 -24.92 5.42
N LYS B 304 -22.72 -26.17 5.70
CA LYS B 304 -23.59 -27.06 6.47
C LYS B 304 -23.81 -26.56 7.89
N ASP B 305 -22.73 -26.33 8.65
CA ASP B 305 -22.85 -25.86 10.03
C ASP B 305 -23.73 -24.60 10.09
N LEU B 306 -23.62 -23.74 9.08
CA LEU B 306 -24.36 -22.46 9.09
C LEU B 306 -25.83 -22.69 8.75
N GLU B 307 -26.07 -23.51 7.72
CA GLU B 307 -27.44 -23.95 7.38
C GLU B 307 -28.14 -24.66 8.57
N LYS B 308 -27.41 -25.50 9.31
CA LYS B 308 -27.99 -26.05 10.53
C LYS B 308 -28.40 -24.96 11.51
N MET B 309 -27.54 -23.95 11.73
CA MET B 309 -27.89 -22.78 12.57
C MET B 309 -29.07 -21.99 12.00
N MET B 310 -29.03 -21.75 10.69
CA MET B 310 -30.18 -21.24 9.94
C MET B 310 -31.47 -21.93 10.40
N VAL B 311 -31.50 -23.26 10.25
CA VAL B 311 -32.71 -24.07 10.49
C VAL B 311 -33.10 -24.18 11.98
N LYS B 312 -32.12 -24.30 12.88
CA LYS B 312 -32.39 -24.30 14.34
C LYS B 312 -32.41 -22.87 14.96
#